data_8EWP
#
_entry.id   8EWP
#
_cell.length_a   77.450
_cell.length_b   100.340
_cell.length_c   130.940
_cell.angle_alpha   90.00
_cell.angle_beta   90.00
_cell.angle_gamma   90.00
#
_symmetry.space_group_name_H-M   'I 2 2 2'
#
loop_
_entity.id
_entity.type
_entity.pdbx_description
1 polymer 'Cytochrome P450 3A4'
2 non-polymer 'PROTOPORPHYRIN IX CONTAINING FE'
3 non-polymer "{N-[([2,2'-bipyridin]-5-yl-kappa~2~N~1~,N~1'~)methyl]-3-(pyridin-4-yl)propanamide}bis[2-(quinolin-2-yl-kappaN)-1-benzothiophen-3-yl-kappaC~3~]iridium(1+)"
4 water water
#
_entity_poly.entity_id   1
_entity_poly.type   'polypeptide(L)'
_entity_poly.pdbx_seq_one_letter_code
;MAYLYGTHSHGLFKKLGIPGPTPLPFLGNILSYHKGFCMFDMECHKKYGKVWGFYDGQQPVLAITDPDMIKTVLVKECYS
VFTNRRPFGPVGFMKSAISIAEDEEWKRLRSLLSPTFTSGKLKEMVPIIAQYGDVLVRNLRREAETGKPVTLKDVFGAYS
MDVITSTSFGVNIDSLNNPQDPFVENTKKLLRFDFLDPFFLSITVFPFLIPILEVLNICVFPREVTNFLRKSVKRMKESR
LEDTQKHRVDFLQLMIDSQNSKETESHKALSDLELVAQSIIFIFAGYETTSSVLSFIMYELATHPDVQQKLQEEIDAVLP
NKAPPTYDTVLQMEYLDMVVNETLRLFPIAMRLERVCKKDVEINGMFIPKGVVVMIPSYALHRDPKYWTEPEKFLPERFS
KKNKDNIDPYIYTPFGSGPRNCIGMRFALMNMKLALIRVLQNFSFKPCKETQIPLKLSLGGLLQPEKPVVLKVESRDGTV
SGAHHHH
;
_entity_poly.pdbx_strand_id   A
#
loop_
_chem_comp.id
_chem_comp.type
_chem_comp.name
_chem_comp.formula
HEM non-polymer 'PROTOPORPHYRIN IX CONTAINING FE' 'C34 H32 Fe N4 O4'
X2Q non-polymer {N-[([2,2'-bipyridin]-5-yl-kappa~2~N~1~,N~1'~)methyl]-3-(pyridin-4-yl)propanamide}bis[2-(quinolin-2-yl-kappaN)-1-benzothiophen-3-yl-kappaC~3~]iridium(1+) 'C53 H38 Ir N6 O S2 1'
#
# COMPACT_ATOMS: atom_id res chain seq x y z
N THR A 7 -9.23 31.59 9.28
CA THR A 7 -7.78 31.65 9.34
C THR A 7 -7.28 31.65 10.77
N HIS A 8 -7.74 30.66 11.55
CA HIS A 8 -7.34 30.56 12.95
C HIS A 8 -5.86 30.25 13.09
N SER A 9 -5.41 29.15 12.49
CA SER A 9 -4.03 28.71 12.59
C SER A 9 -3.27 28.88 11.28
N HIS A 10 -3.81 29.66 10.33
CA HIS A 10 -3.21 29.83 9.03
C HIS A 10 -1.99 30.76 9.04
N GLY A 11 -1.60 31.28 10.19
CA GLY A 11 -0.45 32.15 10.27
C GLY A 11 0.74 31.51 10.95
N LEU A 12 0.77 30.18 10.98
CA LEU A 12 1.84 29.46 11.67
C LEU A 12 3.11 29.40 10.84
N PHE A 13 3.00 29.08 9.55
CA PHE A 13 4.19 28.84 8.74
C PHE A 13 4.93 30.13 8.41
N LYS A 14 4.21 31.23 8.21
CA LYS A 14 4.88 32.51 8.02
C LYS A 14 5.43 33.08 9.33
N LYS A 15 4.88 32.65 10.48
CA LYS A 15 5.46 33.02 11.76
C LYS A 15 6.76 32.26 12.02
N LEU A 16 6.87 31.04 11.51
CA LEU A 16 8.08 30.24 11.62
C LEU A 16 9.06 30.48 10.49
N GLY A 17 8.72 31.32 9.52
CA GLY A 17 9.58 31.54 8.37
C GLY A 17 9.60 30.39 7.40
N ILE A 18 8.56 29.57 7.37
CA ILE A 18 8.46 28.41 6.49
C ILE A 18 7.62 28.80 5.29
N PRO A 19 8.11 28.61 4.06
CA PRO A 19 7.32 28.98 2.88
C PRO A 19 6.21 27.98 2.61
N GLY A 20 5.39 28.32 1.62
CA GLY A 20 4.28 27.48 1.22
C GLY A 20 3.18 28.25 0.53
N PRO A 21 2.18 27.55 0.01
CA PRO A 21 1.07 28.22 -0.66
C PRO A 21 0.18 28.98 0.34
N THR A 22 -0.35 30.10 -0.12
CA THR A 22 -1.19 30.94 0.72
C THR A 22 -2.54 30.27 0.93
N PRO A 23 -2.93 29.96 2.17
CA PRO A 23 -4.20 29.28 2.40
C PRO A 23 -5.38 30.24 2.41
N LEU A 24 -6.51 29.75 1.90
CA LEU A 24 -7.77 30.47 1.96
C LEU A 24 -8.46 30.20 3.29
N PRO A 25 -9.31 31.12 3.77
CA PRO A 25 -10.02 30.88 5.02
C PRO A 25 -10.87 29.62 4.97
N PHE A 26 -10.91 28.90 6.09
CA PHE A 26 -11.69 27.65 6.27
C PHE A 26 -11.09 26.56 5.37
N LEU A 27 -11.06 26.79 4.05
CA LEU A 27 -10.61 25.74 3.15
C LEU A 27 -9.13 25.40 3.28
N GLY A 28 -8.28 26.39 3.57
CA GLY A 28 -6.84 26.15 3.57
C GLY A 28 -6.26 26.06 2.19
N ASN A 29 -5.60 24.95 1.87
CA ASN A 29 -5.02 24.74 0.54
C ASN A 29 -5.63 23.53 -0.16
N ILE A 30 -6.82 23.10 0.25
CA ILE A 30 -7.42 21.90 -0.33
C ILE A 30 -7.87 22.14 -1.77
N LEU A 31 -8.11 23.40 -2.16
CA LEU A 31 -8.45 23.67 -3.55
C LEU A 31 -7.29 23.40 -4.49
N SER A 32 -6.06 23.44 -3.98
CA SER A 32 -4.89 23.09 -4.78
C SER A 32 -4.79 21.59 -5.04
N TYR A 33 -5.68 20.78 -4.46
CA TYR A 33 -5.75 19.36 -4.73
C TYR A 33 -6.50 19.03 -6.01
N HIS A 34 -6.89 20.05 -6.79
CA HIS A 34 -7.58 19.78 -8.06
C HIS A 34 -6.70 19.04 -9.06
N LYS A 35 -5.39 19.11 -8.89
CA LYS A 35 -4.47 18.31 -9.68
C LYS A 35 -4.15 16.97 -9.03
N GLY A 36 -4.43 16.83 -7.74
CA GLY A 36 -4.17 15.60 -7.00
C GLY A 36 -3.14 15.80 -5.91
N PHE A 37 -3.06 14.79 -5.04
CA PHE A 37 -2.07 14.80 -3.97
C PHE A 37 -0.66 14.90 -4.52
N CYS A 38 -0.34 14.06 -5.52
CA CYS A 38 1.03 13.93 -5.99
C CYS A 38 1.47 15.15 -6.79
N MET A 39 0.60 15.68 -7.64
CA MET A 39 0.95 16.86 -8.44
C MET A 39 1.17 18.07 -7.55
N PHE A 40 0.34 18.22 -6.51
CA PHE A 40 0.51 19.36 -5.60
C PHE A 40 1.82 19.28 -4.84
N ASP A 41 2.27 18.07 -4.51
CA ASP A 41 3.53 17.92 -3.79
C ASP A 41 4.73 18.19 -4.68
N MET A 42 4.65 17.76 -5.95
CA MET A 42 5.76 18.01 -6.87
C MET A 42 5.87 19.48 -7.23
N GLU A 43 4.73 20.18 -7.33
CA GLU A 43 4.78 21.62 -7.59
C GLU A 43 5.39 22.37 -6.42
N CYS A 44 5.01 22.00 -5.19
CA CYS A 44 5.54 22.69 -4.02
C CYS A 44 7.02 22.37 -3.80
N HIS A 45 7.43 21.13 -4.07
CA HIS A 45 8.82 20.76 -3.91
C HIS A 45 9.70 21.49 -4.92
N LYS A 46 9.24 21.59 -6.16
CA LYS A 46 9.98 22.32 -7.19
C LYS A 46 10.03 23.81 -6.92
N LYS A 47 9.06 24.36 -6.19
CA LYS A 47 8.91 25.79 -6.01
C LYS A 47 9.44 26.30 -4.66
N TYR A 48 9.24 25.54 -3.59
CA TYR A 48 9.61 26.01 -2.26
C TYR A 48 10.88 25.35 -1.71
N GLY A 49 11.39 24.30 -2.35
CA GLY A 49 12.66 23.73 -1.94
C GLY A 49 12.55 22.47 -1.10
N LYS A 50 13.36 22.40 -0.03
CA LYS A 50 13.45 21.20 0.78
C LYS A 50 12.40 21.12 1.88
N VAL A 51 11.80 22.24 2.27
CA VAL A 51 10.81 22.28 3.33
C VAL A 51 9.75 23.32 2.99
N TRP A 52 8.48 22.94 3.11
CA TRP A 52 7.38 23.87 2.92
C TRP A 52 6.19 23.39 3.75
N GLY A 53 5.19 24.25 3.85
CA GLY A 53 4.02 23.94 4.67
C GLY A 53 2.74 24.37 3.97
N PHE A 54 1.67 23.67 4.29
CA PHE A 54 0.34 23.98 3.78
C PHE A 54 -0.69 23.56 4.83
N TYR A 55 -1.96 23.83 4.53
CA TYR A 55 -3.04 23.62 5.49
C TYR A 55 -4.16 22.80 4.84
N ASP A 56 -4.42 21.62 5.39
CA ASP A 56 -5.60 20.84 5.03
C ASP A 56 -6.76 21.36 5.86
N GLY A 57 -7.45 22.37 5.34
CA GLY A 57 -8.45 23.07 6.11
C GLY A 57 -7.80 23.98 7.14
N GLN A 58 -7.90 23.61 8.41
CA GLN A 58 -7.21 24.29 9.49
C GLN A 58 -6.03 23.49 10.03
N GLN A 59 -5.77 22.30 9.47
CA GLN A 59 -4.70 21.45 9.96
C GLN A 59 -3.39 21.80 9.28
N PRO A 60 -2.37 22.27 10.01
CA PRO A 60 -1.08 22.57 9.38
C PRO A 60 -0.31 21.29 9.06
N VAL A 61 0.24 21.23 7.87
CA VAL A 61 1.04 20.09 7.41
C VAL A 61 2.39 20.60 6.94
N LEU A 62 3.46 20.00 7.44
CA LEU A 62 4.82 20.39 7.08
C LEU A 62 5.47 19.26 6.31
N ALA A 63 5.88 19.53 5.08
CA ALA A 63 6.54 18.55 4.23
C ALA A 63 8.05 18.70 4.32
N ILE A 64 8.74 17.57 4.44
CA ILE A 64 10.20 17.55 4.54
C ILE A 64 10.75 16.60 3.48
N THR A 65 11.90 16.97 2.92
CA THR A 65 12.54 16.16 1.88
C THR A 65 13.99 15.83 2.19
N ASP A 66 14.54 16.32 3.30
CA ASP A 66 15.93 16.03 3.65
C ASP A 66 16.04 14.62 4.22
N PRO A 67 16.91 13.76 3.68
CA PRO A 67 16.99 12.38 4.17
C PRO A 67 17.33 12.27 5.64
N ASP A 68 18.21 13.16 6.15
CA ASP A 68 18.54 13.13 7.57
C ASP A 68 17.33 13.50 8.42
N MET A 69 16.57 14.51 8.00
CA MET A 69 15.36 14.88 8.74
C MET A 69 14.30 13.80 8.64
N ILE A 70 14.17 13.18 7.47
CA ILE A 70 13.23 12.06 7.31
C ILE A 70 13.63 10.90 8.20
N LYS A 71 14.94 10.66 8.32
CA LYS A 71 15.42 9.58 9.19
C LYS A 71 15.09 9.86 10.65
N THR A 72 15.17 11.12 11.06
CA THR A 72 14.90 11.46 12.46
C THR A 72 13.42 11.29 12.79
N VAL A 73 12.54 11.62 11.84
CA VAL A 73 11.11 11.54 12.10
C VAL A 73 10.65 10.07 12.10
N LEU A 74 11.09 9.30 11.11
CA LEU A 74 10.57 7.95 10.94
C LEU A 74 11.22 6.96 11.90
N VAL A 75 12.50 7.14 12.20
CA VAL A 75 13.28 6.15 12.95
C VAL A 75 13.72 6.69 14.31
N LYS A 76 14.44 7.81 14.34
CA LYS A 76 15.08 8.26 15.57
C LYS A 76 14.06 8.67 16.61
N GLU A 77 13.15 9.57 16.27
CA GLU A 77 12.17 10.10 17.20
C GLU A 77 10.77 9.51 16.95
N CYS A 78 10.71 8.23 16.62
CA CYS A 78 9.43 7.58 16.38
C CYS A 78 8.67 7.38 17.68
N TYR A 79 9.33 6.78 18.68
CA TYR A 79 8.64 6.51 19.95
C TYR A 79 8.44 7.77 20.78
N SER A 80 9.31 8.77 20.60
CA SER A 80 9.27 9.94 21.45
C SER A 80 8.39 11.06 20.91
N VAL A 81 8.42 11.30 19.59
CA VAL A 81 7.78 12.47 19.01
C VAL A 81 6.76 12.07 17.95
N PHE A 82 7.19 11.31 16.95
CA PHE A 82 6.38 11.01 15.78
C PHE A 82 5.94 9.54 15.84
N THR A 83 4.88 9.29 16.61
CA THR A 83 4.40 7.94 16.86
C THR A 83 3.18 7.58 16.03
N ASN A 84 2.26 8.52 15.82
CA ASN A 84 0.96 8.23 15.23
C ASN A 84 0.81 8.95 13.90
N ARG A 85 -0.25 8.55 13.21
CA ARG A 85 -0.57 9.17 11.92
C ARG A 85 -1.73 10.12 12.15
N ARG A 86 -2.12 10.85 11.13
CA ARG A 86 -3.20 11.85 11.29
C ARG A 86 -4.47 11.12 11.68
N PRO A 87 -5.32 11.67 12.57
CA PRO A 87 -6.59 11.03 12.86
C PRO A 87 -7.47 11.26 11.63
N PHE A 88 -8.24 10.26 11.24
CA PHE A 88 -9.17 10.45 10.09
C PHE A 88 -10.61 10.19 10.55
N GLY A 89 -11.52 10.08 9.58
CA GLY A 89 -12.94 10.41 9.78
C GLY A 89 -13.66 9.40 10.65
N PRO A 90 -15.00 9.37 10.63
CA PRO A 90 -15.73 8.47 11.50
C PRO A 90 -15.07 7.09 11.36
N VAL A 91 -14.40 6.62 12.40
CA VAL A 91 -13.76 5.28 12.32
C VAL A 91 -14.61 4.21 13.02
N GLY A 92 -15.01 4.46 14.27
CA GLY A 92 -15.82 3.48 14.94
C GLY A 92 -15.00 2.44 15.69
N PHE A 93 -15.41 1.17 15.65
CA PHE A 93 -14.64 0.12 16.34
C PHE A 93 -13.29 -0.13 15.69
N MET A 94 -13.12 0.26 14.42
CA MET A 94 -11.84 0.07 13.74
C MET A 94 -10.74 0.96 14.30
N LYS A 95 -11.02 1.80 15.30
CA LYS A 95 -9.95 2.53 15.97
C LYS A 95 -8.94 1.58 16.61
N SER A 96 -9.36 0.36 16.90
CA SER A 96 -8.48 -0.68 17.44
C SER A 96 -7.63 -1.34 16.37
N ALA A 97 -7.66 -0.83 15.13
CA ALA A 97 -6.80 -1.36 14.09
C ALA A 97 -5.38 -0.82 14.26
N ILE A 98 -4.41 -1.64 13.85
CA ILE A 98 -3.01 -1.31 14.09
C ILE A 98 -2.58 -0.07 13.32
N SER A 99 -3.03 0.04 12.06
CA SER A 99 -2.68 1.22 11.26
C SER A 99 -3.38 2.48 11.74
N ILE A 100 -4.35 2.36 12.64
CA ILE A 100 -5.05 3.52 13.19
C ILE A 100 -4.72 3.75 14.66
N ALA A 101 -4.42 2.69 15.42
CA ALA A 101 -4.14 2.81 16.84
C ALA A 101 -2.96 3.75 17.08
N GLU A 102 -2.90 4.29 18.31
CA GLU A 102 -1.93 5.31 18.66
C GLU A 102 -1.23 4.96 19.96
N ASP A 103 0.05 5.34 20.04
CA ASP A 103 0.83 5.31 21.28
C ASP A 103 0.92 3.88 21.79
N GLU A 104 0.66 3.62 23.07
CA GLU A 104 0.86 2.28 23.62
C GLU A 104 -0.17 1.28 23.08
N GLU A 105 -1.36 1.76 22.71
CA GLU A 105 -2.33 0.88 22.09
C GLU A 105 -1.81 0.32 20.77
N TRP A 106 -1.10 1.14 20.00
CA TRP A 106 -0.48 0.64 18.78
C TRP A 106 0.71 -0.25 19.08
N LYS A 107 1.56 0.17 20.03
CA LYS A 107 2.75 -0.62 20.36
C LYS A 107 2.39 -2.00 20.86
N ARG A 108 1.26 -2.12 21.57
CA ARG A 108 0.79 -3.43 22.00
C ARG A 108 0.30 -4.26 20.81
N LEU A 109 -0.38 -3.62 19.86
CA LEU A 109 -0.85 -4.35 18.68
C LEU A 109 0.29 -4.68 17.74
N ARG A 110 1.24 -3.75 17.58
CA ARG A 110 2.39 -4.01 16.71
C ARG A 110 3.21 -5.19 17.22
N SER A 111 3.41 -5.27 18.54
CA SER A 111 4.17 -6.37 19.11
C SER A 111 3.39 -7.68 19.06
N LEU A 112 2.06 -7.61 19.18
CA LEU A 112 1.22 -8.80 19.08
C LEU A 112 1.04 -9.30 17.65
N LEU A 113 1.38 -8.49 16.64
CA LEU A 113 1.27 -8.89 15.25
C LEU A 113 2.61 -9.02 14.53
N SER A 114 3.71 -8.66 15.17
CA SER A 114 5.02 -8.81 14.53
C SER A 114 5.40 -10.26 14.26
N PRO A 115 5.21 -11.22 15.18
CA PRO A 115 5.56 -12.61 14.86
C PRO A 115 4.74 -13.19 13.70
N THR A 116 3.60 -12.58 13.38
CA THR A 116 2.77 -13.08 12.29
C THR A 116 3.49 -12.98 10.94
N PHE A 117 4.34 -11.96 10.78
CA PHE A 117 4.96 -11.67 9.49
C PHE A 117 6.43 -12.06 9.44
N THR A 118 6.86 -13.00 10.26
CA THR A 118 8.24 -13.45 10.20
C THR A 118 8.45 -14.32 8.96
N SER A 119 9.73 -14.52 8.60
CA SER A 119 10.06 -15.37 7.47
C SER A 119 9.67 -16.82 7.71
N GLY A 120 9.56 -17.24 8.97
CA GLY A 120 9.09 -18.59 9.24
C GLY A 120 7.64 -18.78 8.86
N LYS A 121 6.78 -17.85 9.27
CA LYS A 121 5.39 -17.91 8.87
C LYS A 121 5.23 -17.65 7.38
N LEU A 122 6.12 -16.87 6.79
CA LEU A 122 5.99 -16.52 5.37
C LEU A 122 6.32 -17.70 4.47
N LYS A 123 7.37 -18.45 4.80
CA LYS A 123 7.69 -19.64 4.01
C LYS A 123 6.62 -20.71 4.17
N GLU A 124 5.93 -20.73 5.31
CA GLU A 124 4.82 -21.65 5.49
C GLU A 124 3.62 -21.30 4.63
N MET A 125 3.55 -20.07 4.13
CA MET A 125 2.45 -19.64 3.28
C MET A 125 2.75 -19.77 1.79
N VAL A 126 3.99 -20.15 1.43
CA VAL A 126 4.32 -20.32 0.02
C VAL A 126 3.46 -21.38 -0.67
N PRO A 127 3.28 -22.59 -0.12
CA PRO A 127 2.42 -23.57 -0.81
C PRO A 127 0.97 -23.16 -0.91
N ILE A 128 0.49 -22.26 -0.03
CA ILE A 128 -0.91 -21.85 -0.07
C ILE A 128 -1.15 -20.87 -1.21
N ILE A 129 -0.40 -19.76 -1.22
CA ILE A 129 -0.56 -18.75 -2.26
C ILE A 129 0.04 -19.16 -3.59
N ALA A 130 0.68 -20.33 -3.67
CA ALA A 130 1.07 -20.91 -4.96
C ALA A 130 -0.06 -21.66 -5.63
N GLN A 131 -1.00 -22.19 -4.83
CA GLN A 131 -2.16 -22.86 -5.40
C GLN A 131 -2.99 -21.91 -6.24
N TYR A 132 -3.20 -20.69 -5.74
CA TYR A 132 -3.96 -19.70 -6.50
C TYR A 132 -3.15 -19.10 -7.64
N GLY A 133 -1.83 -19.21 -7.60
CA GLY A 133 -1.03 -18.89 -8.77
C GLY A 133 -1.37 -19.80 -9.93
N ASP A 134 -1.64 -21.08 -9.65
CA ASP A 134 -2.13 -21.98 -10.68
C ASP A 134 -3.56 -21.64 -11.08
N VAL A 135 -4.38 -21.20 -10.12
CA VAL A 135 -5.73 -20.77 -10.43
C VAL A 135 -5.71 -19.52 -11.28
N LEU A 136 -4.74 -18.63 -11.03
CA LEU A 136 -4.62 -17.42 -11.85
C LEU A 136 -4.21 -17.76 -13.28
N VAL A 137 -3.33 -18.75 -13.44
CA VAL A 137 -2.94 -19.18 -14.78
C VAL A 137 -4.15 -19.76 -15.52
N ARG A 138 -5.03 -20.44 -14.78
CA ARG A 138 -6.21 -21.04 -15.40
C ARG A 138 -7.17 -19.98 -15.91
N ASN A 139 -7.47 -18.98 -15.08
CA ASN A 139 -8.35 -17.89 -15.51
C ASN A 139 -7.73 -17.07 -16.64
N LEU A 140 -6.40 -16.96 -16.66
CA LEU A 140 -5.73 -16.23 -17.72
C LEU A 140 -5.73 -17.03 -19.02
N ARG A 141 -5.66 -18.35 -18.94
CA ARG A 141 -5.69 -19.17 -20.15
C ARG A 141 -7.02 -19.07 -20.86
N ARG A 142 -8.10 -18.75 -20.14
CA ARG A 142 -9.41 -18.60 -20.75
C ARG A 142 -9.52 -17.27 -21.47
N GLU A 143 -9.24 -16.17 -20.78
CA GLU A 143 -9.29 -14.85 -21.38
C GLU A 143 -8.19 -14.62 -22.41
N ALA A 144 -7.20 -15.52 -22.49
CA ALA A 144 -6.22 -15.44 -23.57
C ALA A 144 -6.77 -16.05 -24.84
N GLU A 145 -7.35 -17.26 -24.74
CA GLU A 145 -8.03 -17.84 -25.90
C GLU A 145 -9.28 -17.06 -26.29
N THR A 146 -9.79 -16.21 -25.38
CA THR A 146 -10.79 -15.24 -25.79
C THR A 146 -10.23 -14.29 -26.84
N GLY A 147 -8.92 -14.06 -26.82
CA GLY A 147 -8.27 -13.30 -27.87
C GLY A 147 -8.58 -11.82 -27.90
N LYS A 148 -9.02 -11.26 -26.79
CA LYS A 148 -9.38 -9.86 -26.69
C LYS A 148 -8.79 -9.28 -25.42
N PRO A 149 -8.65 -7.94 -25.35
CA PRO A 149 -7.96 -7.33 -24.21
C PRO A 149 -8.52 -7.77 -22.86
N VAL A 150 -7.62 -7.92 -21.89
CA VAL A 150 -7.95 -8.43 -20.57
C VAL A 150 -7.74 -7.33 -19.55
N THR A 151 -8.73 -7.13 -18.68
CA THR A 151 -8.61 -6.18 -17.58
C THR A 151 -7.77 -6.80 -16.47
N LEU A 152 -6.61 -6.19 -16.19
CA LEU A 152 -5.66 -6.79 -15.26
C LEU A 152 -6.15 -6.70 -13.82
N LYS A 153 -6.72 -5.55 -13.43
CA LYS A 153 -7.13 -5.35 -12.05
C LYS A 153 -8.24 -6.32 -11.63
N ASP A 154 -8.93 -6.93 -12.59
CA ASP A 154 -9.95 -7.91 -12.25
C ASP A 154 -9.34 -9.28 -11.97
N VAL A 155 -8.48 -9.76 -12.87
CA VAL A 155 -7.83 -11.06 -12.65
C VAL A 155 -6.84 -10.97 -11.52
N PHE A 156 -6.16 -9.83 -11.38
CA PHE A 156 -5.25 -9.64 -10.24
C PHE A 156 -6.04 -9.38 -8.96
N GLY A 157 -7.16 -8.67 -9.06
CA GLY A 157 -7.99 -8.46 -7.88
C GLY A 157 -8.56 -9.76 -7.35
N ALA A 158 -8.98 -10.65 -8.25
CA ALA A 158 -9.46 -11.97 -7.83
C ALA A 158 -8.35 -12.75 -7.16
N TYR A 159 -7.17 -12.78 -7.77
CA TYR A 159 -6.03 -13.48 -7.17
C TYR A 159 -5.68 -12.88 -5.82
N SER A 160 -5.63 -11.56 -5.73
CA SER A 160 -5.31 -10.92 -4.47
C SER A 160 -6.39 -11.19 -3.43
N MET A 161 -7.65 -11.28 -3.86
CA MET A 161 -8.73 -11.60 -2.93
C MET A 161 -8.65 -13.07 -2.50
N ASP A 162 -8.35 -13.97 -3.44
CA ASP A 162 -8.23 -15.39 -3.08
C ASP A 162 -7.05 -15.62 -2.15
N VAL A 163 -5.96 -14.87 -2.36
CA VAL A 163 -4.78 -15.05 -1.53
C VAL A 163 -5.03 -14.56 -0.11
N ILE A 164 -5.67 -13.40 0.04
CA ILE A 164 -5.81 -12.81 1.37
C ILE A 164 -6.87 -13.53 2.20
N THR A 165 -7.90 -14.10 1.56
CA THR A 165 -8.92 -14.82 2.31
C THR A 165 -8.42 -16.18 2.77
N SER A 166 -7.55 -16.81 1.97
CA SER A 166 -7.00 -18.11 2.35
C SER A 166 -5.91 -17.97 3.40
N THR A 167 -5.10 -16.92 3.33
CA THR A 167 -4.03 -16.71 4.29
C THR A 167 -4.51 -16.08 5.59
N SER A 168 -5.77 -15.66 5.67
CA SER A 168 -6.31 -15.05 6.87
C SER A 168 -7.51 -15.76 7.45
N PHE A 169 -8.20 -16.61 6.69
CA PHE A 169 -9.34 -17.34 7.21
C PHE A 169 -9.44 -18.77 6.70
N GLY A 170 -8.56 -19.19 5.79
CA GLY A 170 -8.65 -20.53 5.25
C GLY A 170 -9.86 -20.77 4.36
N VAL A 171 -10.47 -19.72 3.86
CA VAL A 171 -11.66 -19.84 3.00
C VAL A 171 -11.16 -19.87 1.55
N ASN A 172 -11.13 -21.07 0.97
CA ASN A 172 -10.58 -21.26 -0.38
C ASN A 172 -11.73 -21.15 -1.38
N ILE A 173 -11.77 -20.04 -2.10
CA ILE A 173 -12.79 -19.79 -3.10
C ILE A 173 -12.12 -19.40 -4.42
N ASP A 174 -12.90 -19.47 -5.49
CA ASP A 174 -12.50 -19.00 -6.82
C ASP A 174 -13.29 -17.72 -7.07
N SER A 175 -12.72 -16.58 -6.67
CA SER A 175 -13.47 -15.33 -6.64
C SER A 175 -13.99 -14.94 -8.02
N LEU A 176 -13.17 -15.12 -9.05
CA LEU A 176 -13.58 -14.70 -10.39
C LEU A 176 -14.66 -15.62 -10.97
N ASN A 177 -14.61 -16.90 -10.63
CA ASN A 177 -15.60 -17.86 -11.11
C ASN A 177 -16.73 -18.11 -10.12
N ASN A 178 -16.59 -17.67 -8.87
CA ASN A 178 -17.70 -17.66 -7.93
C ASN A 178 -18.12 -16.22 -7.71
N PRO A 179 -19.13 -15.72 -8.44
CA PRO A 179 -19.56 -14.33 -8.24
C PRO A 179 -20.03 -14.06 -6.83
N GLN A 180 -20.62 -15.03 -6.14
CA GLN A 180 -20.98 -14.77 -4.74
C GLN A 180 -20.95 -16.00 -3.84
N ASP A 181 -19.76 -16.31 -3.35
CA ASP A 181 -19.63 -16.97 -2.09
C ASP A 181 -19.73 -15.77 -1.16
N PRO A 182 -20.47 -15.87 -0.04
CA PRO A 182 -20.68 -14.70 0.83
C PRO A 182 -19.47 -13.79 0.95
N PHE A 183 -18.35 -14.40 1.33
CA PHE A 183 -17.06 -13.73 1.48
C PHE A 183 -16.76 -12.83 0.30
N VAL A 184 -16.74 -13.42 -0.89
CA VAL A 184 -16.39 -12.73 -2.13
C VAL A 184 -17.13 -11.40 -2.19
N GLU A 185 -18.45 -11.44 -2.03
CA GLU A 185 -19.22 -10.20 -2.06
C GLU A 185 -18.86 -9.31 -0.90
N ASN A 186 -18.99 -9.81 0.34
CA ASN A 186 -18.67 -8.99 1.49
C ASN A 186 -17.24 -8.48 1.44
N THR A 187 -16.32 -9.29 0.92
CA THR A 187 -14.93 -8.83 0.78
C THR A 187 -14.76 -7.93 -0.42
N LYS A 188 -15.59 -8.08 -1.45
CA LYS A 188 -15.47 -7.23 -2.63
C LYS A 188 -15.79 -5.78 -2.30
N LYS A 189 -16.60 -5.54 -1.27
CA LYS A 189 -16.94 -4.18 -0.87
C LYS A 189 -15.78 -3.52 -0.13
N ASP A 197 -12.65 12.18 -2.61
CA ASP A 197 -14.07 11.92 -2.45
C ASP A 197 -14.85 13.17 -2.08
N PRO A 198 -16.14 13.19 -2.42
CA PRO A 198 -17.04 14.24 -1.94
C PRO A 198 -17.41 14.14 -0.46
N PHE A 199 -16.78 13.23 0.28
CA PHE A 199 -17.02 13.06 1.71
C PHE A 199 -15.76 13.26 2.55
N PHE A 200 -14.65 12.67 2.13
CA PHE A 200 -13.37 12.92 2.81
C PHE A 200 -12.97 14.38 2.69
N LEU A 201 -13.28 15.02 1.56
CA LEU A 201 -13.02 16.45 1.42
C LEU A 201 -13.84 17.26 2.41
N SER A 202 -15.13 16.91 2.55
CA SER A 202 -15.99 17.61 3.50
C SER A 202 -15.54 17.37 4.93
N ILE A 203 -15.07 16.16 5.23
CA ILE A 203 -14.55 15.87 6.55
C ILE A 203 -13.31 16.70 6.84
N THR A 204 -12.47 16.91 5.83
CA THR A 204 -11.26 17.71 6.02
C THR A 204 -11.61 19.17 6.28
N VAL A 205 -12.65 19.69 5.63
CA VAL A 205 -13.09 21.07 5.88
C VAL A 205 -13.99 21.16 7.09
N PHE A 206 -14.68 20.07 7.45
CA PHE A 206 -15.52 20.01 8.64
C PHE A 206 -15.03 18.92 9.59
N PRO A 207 -13.83 19.08 10.15
CA PRO A 207 -13.33 18.04 11.07
C PRO A 207 -14.06 18.00 12.39
N PHE A 208 -14.77 19.07 12.75
CA PHE A 208 -15.56 19.10 13.97
C PHE A 208 -16.82 18.24 13.88
N LEU A 209 -17.17 17.75 12.70
CA LEU A 209 -18.34 16.90 12.52
C LEU A 209 -18.05 15.43 12.73
N ILE A 210 -16.78 15.05 12.85
CA ILE A 210 -16.44 13.65 13.08
C ILE A 210 -17.02 13.12 14.39
N PRO A 211 -16.94 13.83 15.53
CA PRO A 211 -17.60 13.32 16.74
C PRO A 211 -19.11 13.15 16.56
N ILE A 212 -19.74 13.93 15.68
CA ILE A 212 -21.16 13.76 15.42
C ILE A 212 -21.43 12.47 14.68
N LEU A 213 -20.60 12.15 13.69
CA LEU A 213 -20.79 10.91 12.93
C LEU A 213 -20.49 9.69 13.80
N GLU A 214 -19.65 9.84 14.82
CA GLU A 214 -19.32 8.71 15.68
C GLU A 214 -20.47 8.37 16.62
N VAL A 215 -21.09 9.40 17.22
CA VAL A 215 -22.19 9.13 18.15
C VAL A 215 -23.42 8.62 17.40
N LEU A 216 -23.55 8.96 16.11
CA LEU A 216 -24.61 8.44 15.26
C LEU A 216 -24.31 7.04 14.74
N ASN A 217 -23.20 6.45 15.16
CA ASN A 217 -22.72 5.14 14.70
C ASN A 217 -22.48 5.10 13.20
N ILE A 218 -22.51 6.25 12.52
CA ILE A 218 -22.24 6.30 11.09
C ILE A 218 -20.77 5.91 11.02
N CYS A 219 -20.51 4.67 10.63
CA CYS A 219 -19.17 4.20 10.33
C CYS A 219 -18.96 4.24 8.81
N VAL A 220 -17.85 4.85 8.39
CA VAL A 220 -17.48 4.86 6.98
C VAL A 220 -17.41 3.43 6.45
N PHE A 221 -16.85 2.52 7.23
CA PHE A 221 -16.89 1.11 6.88
C PHE A 221 -18.36 0.73 6.70
N PRO A 222 -18.69 -0.06 5.68
CA PRO A 222 -20.09 -0.47 5.50
C PRO A 222 -20.53 -1.32 6.68
N ARG A 223 -21.25 -0.70 7.62
CA ARG A 223 -21.71 -1.41 8.81
C ARG A 223 -22.50 -2.66 8.46
N GLU A 224 -23.00 -2.76 7.22
CA GLU A 224 -23.69 -3.92 6.71
C GLU A 224 -22.75 -5.03 6.26
N VAL A 225 -21.49 -5.01 6.71
CA VAL A 225 -20.50 -6.00 6.30
C VAL A 225 -19.70 -6.47 7.51
N THR A 226 -19.34 -5.53 8.39
CA THR A 226 -18.48 -5.86 9.52
C THR A 226 -19.05 -6.99 10.35
N ASN A 227 -20.36 -6.93 10.65
CA ASN A 227 -21.00 -7.98 11.43
C ASN A 227 -20.86 -9.35 10.77
N PHE A 228 -20.77 -9.38 9.44
CA PHE A 228 -20.60 -10.64 8.73
C PHE A 228 -19.27 -11.31 9.09
N LEU A 229 -18.24 -10.52 9.37
CA LEU A 229 -16.94 -11.04 9.74
C LEU A 229 -16.85 -11.38 11.23
N ARG A 230 -17.49 -10.57 12.09
CA ARG A 230 -17.42 -10.83 13.52
C ARG A 230 -18.06 -12.17 13.87
N LYS A 231 -19.12 -12.56 13.15
CA LYS A 231 -19.71 -13.88 13.36
C LYS A 231 -18.95 -14.95 12.58
N SER A 232 -18.41 -14.61 11.40
CA SER A 232 -17.62 -15.59 10.67
C SER A 232 -16.36 -15.97 11.42
N VAL A 233 -15.72 -14.99 12.07
CA VAL A 233 -14.52 -15.28 12.86
C VAL A 233 -14.87 -16.12 14.09
N LYS A 234 -15.95 -15.76 14.78
CA LYS A 234 -16.36 -16.54 15.94
C LYS A 234 -16.89 -17.91 15.56
N ARG A 235 -17.39 -18.07 14.33
CA ARG A 235 -17.69 -19.41 13.82
C ARG A 235 -16.41 -20.20 13.63
N MET A 236 -15.40 -19.59 13.00
CA MET A 236 -14.12 -20.26 12.83
C MET A 236 -13.42 -20.47 14.17
N LYS A 237 -13.64 -19.57 15.13
CA LYS A 237 -13.12 -19.80 16.47
C LYS A 237 -13.72 -21.05 17.10
N GLU A 238 -15.03 -21.26 16.93
CA GLU A 238 -15.68 -22.43 17.49
C GLU A 238 -15.36 -23.69 16.69
N SER A 239 -15.44 -23.60 15.36
CA SER A 239 -15.21 -24.78 14.53
C SER A 239 -13.77 -25.28 14.65
N ARG A 240 -12.84 -24.41 15.00
CA ARG A 240 -11.46 -24.82 15.21
C ARG A 240 -11.16 -25.15 16.67
N LYS A 246 -6.18 -30.83 12.36
CA LYS A 246 -5.48 -30.70 11.09
C LYS A 246 -5.10 -29.25 10.76
N HIS A 247 -5.33 -28.33 11.68
CA HIS A 247 -5.05 -26.90 11.51
C HIS A 247 -3.57 -26.62 11.76
N ARG A 248 -3.07 -25.46 11.29
CA ARG A 248 -3.53 -24.56 10.21
C ARG A 248 -2.48 -23.45 10.13
N VAL A 249 -2.49 -22.67 9.03
CA VAL A 249 -1.44 -21.61 8.85
C VAL A 249 -1.97 -20.25 8.41
N ASP A 250 -3.22 -19.91 8.77
CA ASP A 250 -3.81 -18.63 8.40
C ASP A 250 -3.55 -17.53 9.42
N PHE A 251 -3.77 -16.28 8.99
CA PHE A 251 -3.56 -15.13 9.87
C PHE A 251 -4.43 -15.22 11.12
N LEU A 252 -5.64 -15.75 10.98
CA LEU A 252 -6.53 -15.88 12.13
C LEU A 252 -5.95 -16.80 13.18
N GLN A 253 -5.38 -17.94 12.76
CA GLN A 253 -4.80 -18.88 13.71
C GLN A 253 -3.63 -18.27 14.46
N LEU A 254 -2.75 -17.56 13.74
CA LEU A 254 -1.59 -16.94 14.38
C LEU A 254 -2.02 -15.92 15.43
N MET A 255 -3.18 -15.30 15.25
CA MET A 255 -3.76 -14.42 16.25
C MET A 255 -4.57 -15.17 17.29
N ILE A 256 -5.14 -16.33 16.92
CA ILE A 256 -5.81 -17.17 17.90
C ILE A 256 -4.80 -17.81 18.84
N ASP A 257 -3.66 -18.25 18.30
CA ASP A 257 -2.61 -18.82 19.13
C ASP A 257 -1.90 -17.77 19.96
N SER A 258 -1.97 -16.49 19.57
CA SER A 258 -1.27 -15.45 20.30
C SER A 258 -1.96 -15.15 21.64
N GLN A 259 -3.30 -15.18 21.65
CA GLN A 259 -4.06 -14.92 22.86
C GLN A 259 -4.09 -16.12 23.81
N ASN A 260 -3.33 -17.18 23.51
CA ASN A 260 -3.23 -18.33 24.39
C ASN A 260 -2.02 -18.21 25.30
N HIS A 267 2.95 -7.85 27.57
CA HIS A 267 1.77 -7.09 27.21
C HIS A 267 0.49 -7.70 27.77
N LYS A 268 -0.63 -7.39 27.12
CA LYS A 268 -1.94 -7.94 27.46
C LYS A 268 -2.51 -8.63 26.23
N ALA A 269 -3.20 -9.75 26.46
CA ALA A 269 -3.72 -10.55 25.35
C ALA A 269 -4.73 -9.75 24.53
N LEU A 270 -4.90 -10.17 23.28
CA LEU A 270 -5.80 -9.48 22.37
C LEU A 270 -7.25 -9.71 22.77
N SER A 271 -8.14 -8.97 22.10
CA SER A 271 -9.58 -9.09 22.27
C SER A 271 -10.21 -9.66 21.01
N ASP A 272 -11.38 -10.26 21.17
CA ASP A 272 -12.09 -10.81 20.01
C ASP A 272 -12.55 -9.72 19.07
N LEU A 273 -12.99 -8.58 19.62
CA LEU A 273 -13.35 -7.45 18.76
C LEU A 273 -12.11 -6.79 18.17
N GLU A 274 -11.01 -6.73 18.95
CA GLU A 274 -9.74 -6.30 18.38
C GLU A 274 -9.28 -7.25 17.28
N LEU A 275 -9.59 -8.54 17.41
CA LEU A 275 -9.20 -9.52 16.41
C LEU A 275 -9.83 -9.22 15.06
N VAL A 276 -11.10 -8.81 15.06
CA VAL A 276 -11.80 -8.52 13.81
C VAL A 276 -11.27 -7.25 13.17
N ALA A 277 -10.85 -6.28 13.98
CA ALA A 277 -10.36 -5.02 13.44
C ALA A 277 -9.08 -5.23 12.63
N GLN A 278 -8.16 -6.05 13.14
CA GLN A 278 -6.93 -6.33 12.41
C GLN A 278 -7.19 -7.16 11.16
N SER A 279 -8.22 -8.00 11.19
CA SER A 279 -8.56 -8.83 10.03
C SER A 279 -9.01 -7.97 8.86
N ILE A 280 -9.75 -6.89 9.13
CA ILE A 280 -10.24 -6.03 8.06
C ILE A 280 -9.09 -5.23 7.45
N ILE A 281 -8.10 -4.85 8.26
CA ILE A 281 -6.97 -4.09 7.76
C ILE A 281 -6.14 -4.92 6.79
N PHE A 282 -5.86 -6.17 7.15
CA PHE A 282 -5.04 -7.02 6.29
C PHE A 282 -5.71 -7.29 4.95
N ILE A 283 -7.05 -7.24 4.90
CA ILE A 283 -7.75 -7.47 3.64
C ILE A 283 -7.60 -6.26 2.72
N PHE A 284 -7.97 -5.08 3.20
CA PHE A 284 -7.76 -3.85 2.42
C PHE A 284 -6.29 -3.67 2.09
N ALA A 285 -5.40 -4.18 2.94
CA ALA A 285 -3.97 -4.17 2.62
C ALA A 285 -3.65 -5.19 1.54
N GLY A 286 -4.00 -6.45 1.79
CA GLY A 286 -3.67 -7.53 0.86
C GLY A 286 -4.49 -7.58 -0.41
N TYR A 287 -5.45 -6.67 -0.59
CA TYR A 287 -6.29 -6.70 -1.78
C TYR A 287 -5.93 -5.58 -2.75
N GLU A 288 -6.34 -4.35 -2.42
CA GLU A 288 -6.18 -3.23 -3.36
C GLU A 288 -4.72 -2.95 -3.64
N THR A 289 -3.85 -3.08 -2.64
CA THR A 289 -2.43 -2.78 -2.84
C THR A 289 -1.75 -3.83 -3.70
N THR A 290 -2.01 -5.10 -3.43
CA THR A 290 -1.37 -6.17 -4.20
C THR A 290 -1.83 -6.14 -5.65
N SER A 291 -3.13 -5.95 -5.88
CA SER A 291 -3.65 -5.97 -7.25
C SER A 291 -3.25 -4.72 -8.02
N SER A 292 -3.18 -3.57 -7.36
CA SER A 292 -2.82 -2.34 -8.06
C SER A 292 -1.36 -2.38 -8.53
N VAL A 293 -0.44 -2.72 -7.63
CA VAL A 293 0.97 -2.76 -8.01
C VAL A 293 1.21 -3.82 -9.07
N LEU A 294 0.54 -4.98 -8.95
CA LEU A 294 0.66 -6.01 -9.98
C LEU A 294 0.19 -5.51 -11.34
N SER A 295 -0.82 -4.62 -11.35
CA SER A 295 -1.28 -4.04 -12.61
C SER A 295 -0.30 -3.01 -13.14
N PHE A 296 0.31 -2.22 -12.25
CA PHE A 296 1.34 -1.27 -12.69
C PHE A 296 2.56 -2.00 -13.24
N ILE A 297 2.90 -3.15 -12.65
CA ILE A 297 4.06 -3.91 -13.11
C ILE A 297 3.81 -4.45 -14.51
N MET A 298 2.65 -5.08 -14.73
CA MET A 298 2.35 -5.66 -16.03
C MET A 298 2.15 -4.60 -17.10
N TYR A 299 1.79 -3.37 -16.72
CA TYR A 299 1.76 -2.28 -17.70
C TYR A 299 3.18 -1.95 -18.17
N GLU A 300 4.12 -1.85 -17.23
CA GLU A 300 5.50 -1.53 -17.60
C GLU A 300 6.16 -2.67 -18.37
N LEU A 301 5.80 -3.92 -18.06
CA LEU A 301 6.37 -5.04 -18.80
C LEU A 301 5.84 -5.09 -20.23
N ALA A 302 4.56 -4.71 -20.42
CA ALA A 302 3.99 -4.71 -21.76
C ALA A 302 4.54 -3.57 -22.59
N THR A 303 4.68 -2.39 -21.99
CA THR A 303 5.24 -1.22 -22.69
C THR A 303 6.76 -1.29 -22.81
N HIS A 304 7.39 -2.33 -22.28
CA HIS A 304 8.83 -2.54 -22.42
C HIS A 304 9.07 -4.02 -22.66
N PRO A 305 8.88 -4.50 -23.89
CA PRO A 305 9.04 -5.94 -24.17
C PRO A 305 10.45 -6.45 -23.90
N ASP A 306 11.46 -5.58 -23.98
CA ASP A 306 12.82 -6.02 -23.68
C ASP A 306 12.96 -6.41 -22.21
N VAL A 307 12.36 -5.63 -21.31
CA VAL A 307 12.40 -5.98 -19.89
C VAL A 307 11.60 -7.24 -19.61
N GLN A 308 10.45 -7.39 -20.28
CA GLN A 308 9.63 -8.58 -20.08
C GLN A 308 10.34 -9.84 -20.56
N GLN A 309 11.06 -9.74 -21.69
CA GLN A 309 11.80 -10.90 -22.18
C GLN A 309 12.95 -11.26 -21.25
N LYS A 310 13.69 -10.25 -20.77
CA LYS A 310 14.80 -10.53 -19.86
C LYS A 310 14.31 -11.12 -18.55
N LEU A 311 13.14 -10.70 -18.09
CA LEU A 311 12.58 -11.27 -16.86
C LEU A 311 12.14 -12.71 -17.08
N GLN A 312 11.53 -13.01 -18.23
CA GLN A 312 11.14 -14.38 -18.51
C GLN A 312 12.34 -15.30 -18.67
N GLU A 313 13.48 -14.76 -19.13
CA GLU A 313 14.68 -15.58 -19.26
C GLU A 313 15.26 -15.91 -17.88
N GLU A 314 15.25 -14.94 -16.96
CA GLU A 314 15.71 -15.22 -15.60
C GLU A 314 14.80 -16.20 -14.88
N ILE A 315 13.49 -16.10 -15.12
CA ILE A 315 12.55 -17.05 -14.52
C ILE A 315 12.81 -18.46 -15.06
N ASP A 316 12.99 -18.58 -16.38
CA ASP A 316 13.26 -19.89 -16.96
C ASP A 316 14.63 -20.43 -16.59
N ALA A 317 15.57 -19.55 -16.22
CA ALA A 317 16.89 -20.02 -15.81
C ALA A 317 16.86 -20.54 -14.38
N VAL A 318 16.21 -19.80 -13.47
CA VAL A 318 16.13 -20.24 -12.08
C VAL A 318 15.11 -21.36 -11.92
N LEU A 319 13.97 -21.23 -12.60
CA LEU A 319 12.96 -22.28 -12.62
C LEU A 319 12.89 -22.89 -14.01
N PRO A 320 13.82 -23.78 -14.36
CA PRO A 320 13.76 -24.40 -15.69
C PRO A 320 12.46 -25.18 -15.84
N ASN A 321 11.86 -25.10 -17.02
CA ASN A 321 10.83 -26.03 -17.43
C ASN A 321 9.51 -25.77 -16.71
N LYS A 322 9.19 -24.49 -16.45
CA LYS A 322 7.99 -24.08 -15.73
C LYS A 322 7.90 -24.76 -14.37
N ALA A 323 9.02 -24.84 -13.66
CA ALA A 323 9.05 -25.43 -12.34
C ALA A 323 8.31 -24.53 -11.34
N PRO A 324 7.70 -25.11 -10.31
CA PRO A 324 6.92 -24.31 -9.36
C PRO A 324 7.83 -23.43 -8.52
N PRO A 325 7.42 -22.18 -8.28
CA PRO A 325 8.26 -21.28 -7.46
C PRO A 325 8.24 -21.68 -5.99
N THR A 326 9.38 -21.47 -5.35
CA THR A 326 9.54 -21.72 -3.92
C THR A 326 10.01 -20.44 -3.23
N TYR A 327 10.06 -20.50 -1.90
CA TYR A 327 10.50 -19.34 -1.13
C TYR A 327 11.94 -18.96 -1.47
N ASP A 328 12.84 -19.95 -1.42
CA ASP A 328 14.24 -19.68 -1.75
C ASP A 328 14.42 -19.33 -3.22
N THR A 329 13.52 -19.82 -4.08
CA THR A 329 13.61 -19.51 -5.50
C THR A 329 13.26 -18.05 -5.78
N VAL A 330 12.21 -17.54 -5.11
CA VAL A 330 11.78 -16.16 -5.34
C VAL A 330 12.88 -15.18 -4.94
N LEU A 331 13.55 -15.44 -3.82
CA LEU A 331 14.59 -14.54 -3.33
C LEU A 331 15.85 -14.57 -4.19
N GLN A 332 16.01 -15.57 -5.05
CA GLN A 332 17.22 -15.66 -5.88
C GLN A 332 17.14 -14.78 -7.12
N MET A 333 15.93 -14.43 -7.57
CA MET A 333 15.76 -13.68 -8.81
C MET A 333 16.05 -12.21 -8.57
N GLU A 334 17.15 -11.72 -9.15
CA GLU A 334 17.54 -10.32 -8.95
C GLU A 334 16.76 -9.39 -9.86
N TYR A 335 16.66 -9.74 -11.15
CA TYR A 335 15.97 -8.85 -12.09
C TYR A 335 14.49 -8.73 -11.76
N LEU A 336 13.88 -9.80 -11.23
CA LEU A 336 12.51 -9.71 -10.76
C LEU A 336 12.40 -8.71 -9.61
N ASP A 337 13.35 -8.76 -8.67
CA ASP A 337 13.37 -7.77 -7.60
C ASP A 337 13.64 -6.37 -8.13
N MET A 338 14.43 -6.26 -9.19
CA MET A 338 14.69 -4.95 -9.80
C MET A 338 13.44 -4.41 -10.49
N VAL A 339 12.66 -5.28 -11.14
CA VAL A 339 11.45 -4.85 -11.81
C VAL A 339 10.41 -4.37 -10.80
N VAL A 340 10.27 -5.11 -9.69
CA VAL A 340 9.28 -4.73 -8.68
C VAL A 340 9.67 -3.43 -8.01
N ASN A 341 10.94 -3.25 -7.69
CA ASN A 341 11.38 -2.04 -7.02
C ASN A 341 11.22 -0.81 -7.89
N GLU A 342 11.44 -0.96 -9.20
CA GLU A 342 11.35 0.19 -10.10
C GLU A 342 9.92 0.63 -10.31
N THR A 343 8.99 -0.34 -10.38
CA THR A 343 7.58 0.02 -10.49
C THR A 343 7.09 0.69 -9.22
N LEU A 344 7.58 0.26 -8.06
CA LEU A 344 7.19 0.89 -6.81
C LEU A 344 7.77 2.29 -6.68
N ARG A 345 8.88 2.58 -7.38
CA ARG A 345 9.39 3.93 -7.42
C ARG A 345 8.46 4.83 -8.22
N LEU A 346 8.07 4.40 -9.41
CA LEU A 346 7.16 5.19 -10.23
C LEU A 346 5.77 5.29 -9.60
N PHE A 347 5.34 4.26 -8.87
CA PHE A 347 4.00 4.22 -8.30
C PHE A 347 4.04 3.74 -6.86
N PRO A 348 4.46 4.61 -5.93
CA PRO A 348 4.33 4.28 -4.50
C PRO A 348 2.89 4.49 -4.03
N ILE A 349 2.14 3.39 -3.89
CA ILE A 349 0.69 3.47 -3.70
C ILE A 349 0.31 4.24 -2.44
N ALA A 350 1.20 4.35 -1.45
CA ALA A 350 0.92 5.14 -0.28
C ALA A 350 1.03 6.63 -0.57
N MET A 351 1.87 7.02 -1.53
CA MET A 351 2.01 8.40 -1.98
C MET A 351 2.72 9.22 -0.91
N ARG A 352 2.16 9.28 0.31
CA ARG A 352 2.73 10.05 1.39
C ARG A 352 2.97 9.20 2.64
N LEU A 353 3.98 9.60 3.41
CA LEU A 353 4.17 9.14 4.77
C LEU A 353 3.86 10.29 5.71
N GLU A 354 3.10 10.01 6.78
CA GLU A 354 2.65 11.06 7.68
C GLU A 354 2.88 10.65 9.13
N ARG A 355 3.27 11.63 9.94
CA ARG A 355 3.45 11.46 11.37
C ARG A 355 2.97 12.72 12.07
N VAL A 356 2.37 12.56 13.24
CA VAL A 356 1.87 13.69 14.04
C VAL A 356 2.94 14.06 15.05
N CYS A 357 3.24 15.36 15.14
CA CYS A 357 4.22 15.87 16.09
C CYS A 357 3.56 15.95 17.46
N LYS A 358 3.96 15.06 18.37
CA LYS A 358 3.31 14.96 19.68
C LYS A 358 3.69 16.08 20.64
N LYS A 359 4.82 16.76 20.41
CA LYS A 359 5.29 17.75 21.36
C LYS A 359 6.23 18.72 20.66
N ASP A 360 6.42 19.89 21.27
CA ASP A 360 7.37 20.87 20.77
C ASP A 360 8.77 20.26 20.71
N VAL A 361 9.32 20.15 19.52
CA VAL A 361 10.62 19.54 19.30
C VAL A 361 11.44 20.39 18.33
N GLU A 362 12.70 19.99 18.17
CA GLU A 362 13.66 20.74 17.35
C GLU A 362 14.57 19.71 16.69
N ILE A 363 14.21 19.30 15.47
CA ILE A 363 14.88 18.21 14.76
C ILE A 363 15.81 18.79 13.71
N ASN A 364 17.05 18.29 13.68
CA ASN A 364 18.03 18.54 12.63
C ASN A 364 18.16 20.03 12.27
N GLY A 365 17.80 20.94 13.17
CA GLY A 365 18.03 22.35 12.98
C GLY A 365 16.77 23.21 12.93
N MET A 366 15.58 22.64 12.88
CA MET A 366 14.36 23.44 12.82
C MET A 366 13.39 23.01 13.91
N PHE A 367 12.59 23.97 14.38
CA PHE A 367 11.64 23.75 15.46
C PHE A 367 10.30 23.31 14.89
N ILE A 368 9.75 22.23 15.44
CA ILE A 368 8.47 21.67 15.01
C ILE A 368 7.49 21.81 16.18
N PRO A 369 6.46 22.62 16.05
CA PRO A 369 5.50 22.78 17.16
C PRO A 369 4.56 21.58 17.27
N LYS A 370 3.89 21.51 18.42
CA LYS A 370 2.97 20.41 18.68
C LYS A 370 1.74 20.51 17.81
N GLY A 371 1.24 19.35 17.36
CA GLY A 371 0.04 19.28 16.54
C GLY A 371 0.28 19.31 15.05
N VAL A 372 1.48 19.66 14.60
CA VAL A 372 1.77 19.74 13.17
C VAL A 372 1.94 18.33 12.61
N VAL A 373 1.30 18.07 11.49
CA VAL A 373 1.46 16.80 10.78
C VAL A 373 2.69 16.89 9.89
N VAL A 374 3.70 16.09 10.19
CA VAL A 374 4.90 16.01 9.37
C VAL A 374 4.68 14.98 8.27
N MET A 375 4.86 15.40 7.02
CA MET A 375 4.55 14.58 5.86
C MET A 375 5.79 14.41 4.99
N ILE A 376 6.05 13.18 4.55
CA ILE A 376 7.14 12.90 3.63
C ILE A 376 6.52 12.65 2.25
N PRO A 377 6.72 13.53 1.27
CA PRO A 377 6.12 13.30 -0.06
C PRO A 377 6.82 12.19 -0.83
N SER A 378 6.41 10.93 -0.61
CA SER A 378 7.14 9.81 -1.21
C SER A 378 7.08 9.85 -2.73
N TYR A 379 5.92 10.20 -3.30
CA TYR A 379 5.79 10.25 -4.75
C TYR A 379 6.71 11.29 -5.36
N ALA A 380 6.79 12.47 -4.74
CA ALA A 380 7.63 13.53 -5.28
C ALA A 380 9.11 13.20 -5.14
N LEU A 381 9.49 12.54 -4.04
CA LEU A 381 10.89 12.18 -3.85
C LEU A 381 11.32 11.07 -4.81
N HIS A 382 10.39 10.21 -5.22
CA HIS A 382 10.73 9.14 -6.15
C HIS A 382 10.95 9.65 -7.57
N ARG A 383 10.46 10.84 -7.89
CA ARG A 383 10.59 11.41 -9.22
C ARG A 383 11.37 12.72 -9.19
N ASP A 384 12.26 12.88 -8.22
CA ASP A 384 13.04 14.09 -8.08
C ASP A 384 14.30 13.99 -8.91
N PRO A 385 14.58 14.94 -9.82
CA PRO A 385 15.84 14.89 -10.57
C PRO A 385 17.08 14.96 -9.70
N LYS A 386 16.96 15.47 -8.46
CA LYS A 386 18.11 15.55 -7.57
C LYS A 386 18.65 14.18 -7.19
N TYR A 387 17.84 13.12 -7.30
CA TYR A 387 18.25 11.78 -6.92
C TYR A 387 18.02 10.72 -7.99
N TRP A 388 17.36 11.04 -9.09
CA TRP A 388 17.03 10.04 -10.11
C TRP A 388 17.32 10.59 -11.49
N THR A 389 18.02 9.79 -12.29
CA THR A 389 18.29 10.14 -13.68
C THR A 389 17.09 9.75 -14.54
N GLU A 390 16.55 10.72 -15.28
CA GLU A 390 15.34 10.55 -16.08
C GLU A 390 14.23 10.01 -15.19
N PRO A 391 13.64 10.84 -14.33
CA PRO A 391 12.69 10.32 -13.33
C PRO A 391 11.46 9.65 -13.92
N GLU A 392 10.97 10.14 -15.06
CA GLU A 392 9.77 9.57 -15.66
C GLU A 392 10.02 8.27 -16.40
N LYS A 393 11.29 7.91 -16.62
CA LYS A 393 11.61 6.69 -17.36
C LYS A 393 11.53 5.47 -16.45
N PHE A 394 11.04 4.36 -17.01
CA PHE A 394 11.01 3.08 -16.33
C PHE A 394 12.30 2.34 -16.69
N LEU A 395 13.25 2.33 -15.77
CA LEU A 395 14.57 1.74 -16.01
C LEU A 395 14.93 0.83 -14.85
N PRO A 396 14.69 -0.48 -14.99
CA PRO A 396 14.98 -1.41 -13.87
C PRO A 396 16.43 -1.44 -13.44
N GLU A 397 17.36 -1.02 -14.29
CA GLU A 397 18.78 -1.07 -13.95
C GLU A 397 19.17 -0.09 -12.85
N ARG A 398 18.26 0.76 -12.37
CA ARG A 398 18.57 1.61 -11.23
C ARG A 398 18.84 0.77 -9.98
N PHE A 399 18.16 -0.37 -9.85
CA PHE A 399 18.24 -1.20 -8.66
C PHE A 399 19.12 -2.43 -8.85
N SER A 400 19.95 -2.46 -9.89
CA SER A 400 20.93 -3.52 -10.01
C SER A 400 21.93 -3.44 -8.87
N LYS A 401 22.57 -4.57 -8.58
CA LYS A 401 23.50 -4.65 -7.45
C LYS A 401 24.68 -3.70 -7.59
N LYS A 402 24.88 -3.10 -8.76
CA LYS A 402 25.88 -2.06 -8.97
C LYS A 402 25.35 -0.68 -8.60
N ASN A 403 24.16 -0.33 -9.08
CA ASN A 403 23.59 1.00 -8.86
C ASN A 403 22.71 1.10 -7.63
N LYS A 404 22.35 -0.02 -7.00
CA LYS A 404 21.49 0.03 -5.82
C LYS A 404 22.14 0.72 -4.64
N ASP A 405 23.47 0.82 -4.62
CA ASP A 405 24.16 1.40 -3.48
C ASP A 405 24.04 2.92 -3.45
N ASN A 406 23.82 3.55 -4.61
CA ASN A 406 23.70 5.00 -4.71
C ASN A 406 22.27 5.49 -4.52
N ILE A 407 21.44 4.72 -3.82
CA ILE A 407 20.04 5.06 -3.60
C ILE A 407 19.81 5.27 -2.11
N ASP A 408 19.38 6.46 -1.74
CA ASP A 408 19.15 6.78 -0.34
C ASP A 408 17.92 6.04 0.16
N PRO A 409 18.02 5.27 1.25
CA PRO A 409 16.86 4.53 1.76
C PRO A 409 15.77 5.43 2.34
N TYR A 410 16.04 6.73 2.52
CA TYR A 410 15.04 7.67 3.00
C TYR A 410 14.52 8.57 1.89
N ILE A 411 14.94 8.35 0.65
CA ILE A 411 14.34 8.97 -0.52
C ILE A 411 13.42 8.00 -1.24
N TYR A 412 13.83 6.74 -1.34
CA TYR A 412 13.02 5.67 -1.91
C TYR A 412 12.40 4.88 -0.75
N THR A 413 11.15 5.20 -0.44
CA THR A 413 10.44 4.59 0.68
C THR A 413 9.07 4.09 0.22
N PRO A 414 9.03 2.99 -0.54
CA PRO A 414 7.73 2.44 -0.95
C PRO A 414 6.97 1.78 0.19
N PHE A 415 7.67 1.28 1.21
CA PHE A 415 7.03 0.65 2.36
C PHE A 415 7.27 1.44 3.64
N GLY A 416 7.56 2.73 3.53
CA GLY A 416 7.87 3.51 4.72
C GLY A 416 9.22 3.12 5.30
N SER A 417 9.40 3.48 6.57
CA SER A 417 10.64 3.17 7.28
C SER A 417 10.39 3.36 8.77
N GLY A 418 11.24 2.73 9.58
CA GLY A 418 11.18 2.89 11.01
C GLY A 418 10.32 1.84 11.68
N PRO A 419 10.06 2.01 12.98
CA PRO A 419 9.26 1.03 13.73
C PRO A 419 7.82 0.93 13.27
N ARG A 420 7.33 1.85 12.46
CA ARG A 420 5.96 1.81 11.97
C ARG A 420 5.92 1.81 10.45
N ASN A 421 6.78 1.00 9.83
CA ASN A 421 6.76 0.81 8.39
C ASN A 421 5.71 -0.25 8.06
N CYS A 422 5.67 -0.68 6.80
CA CYS A 422 4.72 -1.70 6.38
C CYS A 422 5.05 -3.03 7.04
N ILE A 423 4.16 -3.52 7.90
CA ILE A 423 4.39 -4.78 8.58
C ILE A 423 4.25 -5.96 7.63
N GLY A 424 3.59 -5.76 6.50
CA GLY A 424 3.42 -6.83 5.53
C GLY A 424 4.25 -6.63 4.28
N MET A 425 5.41 -5.99 4.43
CA MET A 425 6.27 -5.73 3.28
C MET A 425 6.80 -7.03 2.68
N ARG A 426 7.29 -7.94 3.52
CA ARG A 426 7.80 -9.21 3.01
C ARG A 426 6.69 -10.06 2.44
N PHE A 427 5.50 -10.02 3.04
CA PHE A 427 4.37 -10.76 2.49
C PHE A 427 3.94 -10.19 1.15
N ALA A 428 3.94 -8.86 1.02
CA ALA A 428 3.53 -8.23 -0.22
C ALA A 428 4.51 -8.55 -1.35
N LEU A 429 5.80 -8.43 -1.08
CA LEU A 429 6.80 -8.73 -2.11
C LEU A 429 6.76 -10.20 -2.51
N MET A 430 6.64 -11.10 -1.52
CA MET A 430 6.59 -12.53 -1.81
C MET A 430 5.31 -12.89 -2.57
N ASN A 431 4.18 -12.30 -2.18
CA ASN A 431 2.92 -12.62 -2.85
C ASN A 431 2.91 -12.10 -4.29
N MET A 432 3.44 -10.90 -4.51
CA MET A 432 3.44 -10.34 -5.86
C MET A 432 4.42 -11.09 -6.77
N LYS A 433 5.60 -11.43 -6.25
CA LYS A 433 6.59 -12.12 -7.07
C LYS A 433 6.13 -13.53 -7.43
N LEU A 434 5.45 -14.22 -6.50
CA LEU A 434 4.93 -15.55 -6.79
C LEU A 434 3.91 -15.50 -7.92
N ALA A 435 3.09 -14.45 -7.95
CA ALA A 435 2.13 -14.31 -9.05
C ALA A 435 2.84 -13.93 -10.35
N LEU A 436 3.88 -13.09 -10.27
CA LEU A 436 4.59 -12.67 -11.47
C LEU A 436 5.32 -13.82 -12.12
N ILE A 437 5.89 -14.73 -11.33
CA ILE A 437 6.61 -15.86 -11.88
C ILE A 437 5.67 -16.80 -12.61
N ARG A 438 4.58 -17.21 -11.94
CA ARG A 438 3.63 -18.12 -12.55
C ARG A 438 2.94 -17.50 -13.76
N VAL A 439 2.72 -16.18 -13.74
CA VAL A 439 2.07 -15.52 -14.87
C VAL A 439 3.02 -15.44 -16.06
N LEU A 440 4.27 -15.03 -15.82
CA LEU A 440 5.23 -14.86 -16.90
C LEU A 440 5.82 -16.18 -17.38
N GLN A 441 5.68 -17.26 -16.60
CA GLN A 441 6.13 -18.56 -17.07
C GLN A 441 5.30 -19.04 -18.25
N ASN A 442 4.04 -18.65 -18.34
CA ASN A 442 3.13 -19.15 -19.35
C ASN A 442 2.64 -18.11 -20.35
N PHE A 443 2.73 -16.82 -20.05
CA PHE A 443 2.11 -15.80 -20.88
C PHE A 443 3.08 -14.64 -21.15
N SER A 444 2.84 -13.97 -22.28
CA SER A 444 3.45 -12.69 -22.58
C SER A 444 2.34 -11.66 -22.76
N PHE A 445 2.65 -10.40 -22.45
CA PHE A 445 1.65 -9.34 -22.40
C PHE A 445 2.02 -8.23 -23.37
N LYS A 446 1.10 -7.93 -24.28
CA LYS A 446 1.29 -6.90 -25.30
C LYS A 446 0.21 -5.84 -25.18
N PRO A 447 0.51 -4.59 -25.55
CA PRO A 447 -0.52 -3.55 -25.52
C PRO A 447 -1.59 -3.79 -26.58
N CYS A 448 -2.78 -3.31 -26.28
CA CYS A 448 -3.92 -3.38 -27.18
C CYS A 448 -4.25 -2.01 -27.73
N LYS A 449 -5.18 -1.99 -28.69
CA LYS A 449 -5.72 -0.72 -29.16
C LYS A 449 -6.44 0.03 -28.04
N GLU A 450 -6.93 -0.70 -27.05
CA GLU A 450 -7.59 -0.13 -25.89
C GLU A 450 -6.63 0.30 -24.80
N THR A 451 -5.35 -0.09 -24.88
CA THR A 451 -4.39 0.23 -23.83
C THR A 451 -4.06 1.72 -23.85
N GLN A 452 -4.15 2.35 -22.68
CA GLN A 452 -3.83 3.77 -22.54
C GLN A 452 -2.32 3.93 -22.46
N ILE A 453 -1.73 4.57 -23.46
CA ILE A 453 -0.29 4.78 -23.53
C ILE A 453 -0.03 6.24 -23.88
N PRO A 454 0.69 7.01 -23.03
CA PRO A 454 1.19 6.57 -21.73
C PRO A 454 0.09 6.50 -20.67
N LEU A 455 0.37 5.83 -19.57
CA LEU A 455 -0.64 5.65 -18.53
C LEU A 455 -0.83 6.94 -17.74
N LYS A 456 -2.08 7.38 -17.64
CA LYS A 456 -2.43 8.53 -16.81
C LYS A 456 -2.87 8.04 -15.44
N LEU A 457 -2.45 8.77 -14.41
CA LEU A 457 -2.82 8.45 -13.04
C LEU A 457 -4.17 9.06 -12.69
N SER A 458 -4.85 8.44 -11.74
CA SER A 458 -6.17 8.91 -11.33
C SER A 458 -6.06 10.29 -10.70
N LEU A 459 -7.00 11.18 -11.07
CA LEU A 459 -7.00 12.54 -10.58
C LEU A 459 -7.45 12.65 -9.13
N GLY A 460 -7.92 11.56 -8.53
CA GLY A 460 -8.48 11.62 -7.18
C GLY A 460 -7.48 11.41 -6.06
N GLY A 461 -7.91 10.72 -5.01
CA GLY A 461 -7.08 10.53 -3.84
C GLY A 461 -6.30 9.24 -3.82
N LEU A 462 -6.67 8.30 -4.69
CA LEU A 462 -5.96 7.03 -4.81
C LEU A 462 -4.89 7.11 -5.89
N LEU A 463 -3.91 6.20 -5.79
CA LEU A 463 -2.88 6.06 -6.80
C LEU A 463 -3.24 4.85 -7.65
N GLN A 464 -4.04 5.10 -8.68
CA GLN A 464 -4.52 4.07 -9.60
C GLN A 464 -4.57 4.66 -11.00
N PRO A 465 -4.58 3.83 -12.03
CA PRO A 465 -4.64 4.36 -13.40
C PRO A 465 -5.94 5.10 -13.66
N GLU A 466 -5.85 6.13 -14.52
CA GLU A 466 -7.04 6.85 -14.93
C GLU A 466 -8.02 5.93 -15.65
N LYS A 467 -7.52 5.16 -16.60
CA LYS A 467 -8.27 4.11 -17.27
C LYS A 467 -7.73 2.75 -16.84
N PRO A 468 -8.61 1.78 -16.58
CA PRO A 468 -8.13 0.45 -16.15
C PRO A 468 -7.23 -0.17 -17.21
N VAL A 469 -6.14 -0.77 -16.76
CA VAL A 469 -5.12 -1.29 -17.66
C VAL A 469 -5.66 -2.51 -18.38
N VAL A 470 -5.70 -2.46 -19.71
CA VAL A 470 -6.08 -3.58 -20.55
C VAL A 470 -4.93 -3.88 -21.49
N LEU A 471 -4.61 -5.17 -21.63
CA LEU A 471 -3.49 -5.60 -22.46
C LEU A 471 -3.88 -6.85 -23.22
N LYS A 472 -3.13 -7.13 -24.29
CA LYS A 472 -3.30 -8.38 -25.04
C LYS A 472 -2.44 -9.46 -24.41
N VAL A 473 -3.03 -10.63 -24.21
CA VAL A 473 -2.36 -11.76 -23.56
C VAL A 473 -2.19 -12.87 -24.59
N GLU A 474 -1.00 -13.44 -24.63
CA GLU A 474 -0.68 -14.53 -25.55
C GLU A 474 0.05 -15.64 -24.80
N SER A 475 -0.31 -16.88 -25.10
CA SER A 475 0.29 -18.03 -24.43
C SER A 475 1.66 -18.33 -25.01
N ARG A 476 2.58 -18.74 -24.15
CA ARG A 476 3.93 -19.11 -24.57
C ARG A 476 3.98 -20.55 -25.03
CHA HEM B . 1.73 0.49 6.47
CHB HEM B . 3.22 0.18 1.84
CHC HEM B . 1.02 -4.13 1.48
CHD HEM B . 0.04 -4.05 6.24
C1A HEM B . 2.31 0.80 5.25
C2A HEM B . 3.02 2.01 4.92
C3A HEM B . 3.43 1.93 3.65
C4A HEM B . 3.00 0.65 3.12
CMA HEM B . 4.23 3.00 2.87
CAA HEM B . 3.26 3.21 5.87
CBA HEM B . 4.68 3.13 6.42
CGA HEM B . 4.99 4.37 7.21
O1A HEM B . 6.18 4.57 7.57
O2A HEM B . 4.05 5.17 7.48
C1B HEM B . 2.75 -1.01 1.33
C2B HEM B . 2.90 -1.47 -0.04
C3B HEM B . 2.29 -2.67 -0.14
C4B HEM B . 1.73 -2.98 1.16
CMB HEM B . 3.66 -0.67 -1.12
CAB HEM B . 2.14 -3.62 -1.37
CBB HEM B . 2.67 -3.39 -2.57
C1C HEM B . 0.64 -4.52 2.75
C2C HEM B . 0.16 -5.84 3.13
C3C HEM B . -0.11 -5.82 4.45
C4C HEM B . 0.18 -4.49 4.94
CMC HEM B . 0.02 -7.01 2.12
CAC HEM B . -0.65 -6.94 5.36
CBC HEM B . -0.99 -8.17 4.96
C1D HEM B . 0.37 -2.80 6.72
C2D HEM B . 0.12 -2.29 8.05
C3D HEM B . 0.58 -1.03 8.11
C4D HEM B . 1.15 -0.70 6.82
CMD HEM B . -0.57 -3.07 9.19
CAD HEM B . 0.54 -0.11 9.34
CBD HEM B . 1.66 -0.53 10.30
CGD HEM B . 1.53 0.21 11.61
O1D HEM B . 2.23 -0.18 12.58
O2D HEM B . 0.74 1.19 11.66
NA HEM B . 2.32 -0.01 4.13
NB HEM B . 2.02 -1.96 2.02
NC HEM B . 0.63 -3.73 3.87
ND HEM B . 0.99 -1.81 5.99
FE HEM B . 1.52 -1.89 4.01
C05 X2Q C . -9.48 6.61 6.79
C06 X2Q C . -9.07 6.68 8.10
C07 X2Q C . -7.92 6.00 8.42
C08 X2Q C . -7.24 5.29 7.46
C09 X2Q C . -7.72 5.26 6.13
C10 X2Q C . -6.99 4.52 5.19
C11 X2Q C . -5.83 3.85 5.55
C12 X2Q C . -5.33 3.86 6.87
C13 X2Q C . -6.07 4.60 7.81
C14 X2Q C . -10.69 7.28 6.23
C15 X2Q C . -10.83 7.00 4.86
C16 X2Q C . -12.00 7.70 4.47
C17 X2Q C . -12.56 8.36 5.58
C18 X2Q C . -13.73 9.13 5.51
C19 X2Q C . -14.35 9.21 4.26
C20 X2Q C . -13.82 8.57 3.13
C21 X2Q C . -12.66 7.80 3.24
C22 X2Q C . -10.65 4.52 3.29
C23 X2Q C . -11.16 3.25 3.69
C24 X2Q C . -12.05 2.73 2.73
C25 X2Q C . -11.21 4.90 2.09
C26 X2Q C . -10.87 6.08 1.53
C27 X2Q C . -11.44 6.42 0.32
C28 X2Q C . -11.15 7.59 -0.30
C29 X2Q C . -10.28 8.46 0.30
C30 X2Q C . -9.70 8.10 1.58
C31 X2Q C . -8.83 9.10 2.06
C32 X2Q C . -8.56 10.30 1.40
C33 X2Q C . -9.15 10.59 0.18
C34 X2Q C . -10.02 9.67 -0.39
C35 X2Q C . -12.68 1.48 2.86
C36 X2Q C . -12.40 0.75 4.01
C37 X2Q C . -11.51 1.23 4.97
C38 X2Q C . -10.89 2.48 4.83
C39 X2Q C . -6.91 5.96 2.42
C40 X2Q C . -6.80 7.08 3.19
C41 X2Q C . -7.99 8.19 4.72
C42 X2Q C . -7.02 9.19 4.85
C43 X2Q C . -5.85 9.12 4.10
C44 X2Q C . -5.75 8.02 3.25
C45 X2Q C . -5.87 5.60 1.54
C46 X2Q C . -5.99 4.46 0.77
C47 X2Q C . -7.17 3.75 0.95
C48 X2Q C . -8.11 4.21 1.87
C49 X2Q C . -7.31 2.45 0.12
C54 X2Q C . -6.25 0.85 1.82
C55 X2Q C . -5.13 0.12 2.59
C56 X2Q C . -3.80 0.01 1.81
C58 X2Q C . -2.43 -0.30 2.45
C59 X2Q C . -1.27 0.26 1.91
C60 X2Q C . -0.04 -0.04 2.50
C62 X2Q C . -1.06 -1.40 4.11
C63 X2Q C . -2.32 -1.14 3.55
N01 X2Q C . -8.86 5.97 5.76
N02 X2Q C . -10.03 6.89 2.23
N03 X2Q C . -8.11 5.32 2.65
N04 X2Q C . -7.91 7.09 3.93
N53 X2Q C . -6.12 1.83 0.73
N61 X2Q C . 0.03 -0.84 3.56
O57 X2Q C . -7.39 0.54 2.12
S51 X2Q C . -11.61 8.09 6.94
S52 X2Q C . -12.28 3.77 1.40
IR50 X2Q C . -9.47 5.94 3.92
#